data_4QRL
#
_entry.id   4QRL
#
_cell.length_a   48.851
_cell.length_b   48.851
_cell.length_c   78.451
_cell.angle_alpha   90.000
_cell.angle_beta   90.000
_cell.angle_gamma   120.000
#
_symmetry.space_group_name_H-M   'P 32 2 1'
#
loop_
_entity.id
_entity.type
_entity.pdbx_description
1 polymer 'Hypothetical protein'
2 non-polymer 1,2-ETHANEDIOL
3 water water
#
_entity_poly.entity_id   1
_entity_poly.type   'polypeptide(L)'
_entity_poly.pdbx_seq_one_letter_code
;GC(MSE)NGGGDLAGKWQLRQYQYADGTSEKVDSVFYNFQKGSFSAICLLKDGGLTTFFGNYSLKGAEISIILLPESVND
KNYDTYFGWPEGKCTFKVEDLSYSSLRLEYEGTKSIFRKF
;
_entity_poly.pdbx_strand_id   A
#
loop_
_chem_comp.id
_chem_comp.type
_chem_comp.name
_chem_comp.formula
EDO non-polymer 1,2-ETHANEDIOL 'C2 H6 O2'
#
# COMPACT_ATOMS: atom_id res chain seq x y z
N GLY A 7 11.09 7.14 -11.80
CA GLY A 7 11.42 5.77 -12.17
C GLY A 7 10.21 4.85 -12.27
N ASP A 8 10.41 3.56 -11.95
CA ASP A 8 9.32 2.56 -12.03
C ASP A 8 8.26 2.73 -10.93
N LEU A 9 8.67 3.17 -9.75
CA LEU A 9 7.78 3.27 -8.60
C LEU A 9 6.70 4.34 -8.78
N ALA A 10 7.05 5.45 -9.47
CA ALA A 10 6.17 6.60 -9.68
C ALA A 10 4.86 6.24 -10.36
N GLY A 11 3.77 6.75 -9.80
CA GLY A 11 2.42 6.54 -10.31
C GLY A 11 1.50 5.78 -9.40
N LYS A 12 0.41 5.22 -10.01
CA LYS A 12 -0.65 4.55 -9.28
C LYS A 12 -0.56 3.06 -9.51
N TRP A 13 -0.86 2.34 -8.45
CA TRP A 13 -0.75 0.90 -8.38
C TRP A 13 -1.98 0.26 -7.81
N GLN A 14 -2.55 -0.71 -8.52
CA GLN A 14 -3.71 -1.43 -7.99
C GLN A 14 -3.21 -2.60 -7.16
N LEU A 15 -3.63 -2.67 -5.88
CA LEU A 15 -3.25 -3.81 -5.04
CA LEU A 15 -3.28 -3.79 -5.02
C LEU A 15 -4.19 -4.94 -5.43
N ARG A 16 -3.65 -5.92 -6.14
CA ARG A 16 -4.42 -7.05 -6.69
C ARG A 16 -4.64 -8.16 -5.72
N GLN A 17 -3.64 -8.44 -4.89
CA GLN A 17 -3.72 -9.62 -4.04
C GLN A 17 -2.85 -9.50 -2.82
N TYR A 18 -3.27 -10.18 -1.72
CA TYR A 18 -2.44 -10.38 -0.55
C TYR A 18 -2.03 -11.81 -0.51
N GLN A 19 -0.77 -12.09 -0.19
CA GLN A 19 -0.34 -13.48 0.00
C GLN A 19 0.09 -13.56 1.42
N TYR A 20 -0.75 -14.15 2.25
CA TYR A 20 -0.51 -14.17 3.65
C TYR A 20 0.56 -15.17 4.06
N ALA A 21 1.25 -14.82 5.15
CA ALA A 21 2.34 -15.63 5.69
C ALA A 21 1.92 -17.07 5.97
N ASP A 22 0.64 -17.30 6.37
CA ASP A 22 0.13 -18.65 6.66
C ASP A 22 -0.21 -19.45 5.39
N GLY A 23 0.02 -18.88 4.19
CA GLY A 23 -0.24 -19.56 2.92
C GLY A 23 -1.50 -19.14 2.17
N THR A 24 -2.40 -18.44 2.87
CA THR A 24 -3.65 -17.96 2.26
C THR A 24 -3.38 -16.84 1.26
N SER A 25 -4.13 -16.81 0.16
CA SER A 25 -4.07 -15.73 -0.81
C SER A 25 -5.48 -15.17 -1.00
N GLU A 26 -5.61 -13.84 -1.13
CA GLU A 26 -6.91 -13.23 -1.36
C GLU A 26 -6.80 -12.10 -2.31
N LYS A 27 -7.71 -12.08 -3.31
CA LYS A 27 -7.80 -11.03 -4.30
C LYS A 27 -8.41 -9.78 -3.65
N VAL A 28 -7.89 -8.62 -4.01
CA VAL A 28 -8.24 -7.28 -3.53
C VAL A 28 -8.64 -6.47 -4.75
N ASP A 29 -9.75 -5.77 -4.70
CA ASP A 29 -10.02 -4.99 -5.92
C ASP A 29 -10.37 -3.54 -5.62
N SER A 30 -10.13 -3.12 -4.40
CA SER A 30 -10.59 -1.82 -3.95
C SER A 30 -9.48 -0.91 -3.43
N VAL A 31 -8.20 -1.29 -3.53
CA VAL A 31 -7.13 -0.49 -2.93
C VAL A 31 -6.11 -0.10 -3.98
N PHE A 32 -5.74 1.19 -3.97
CA PHE A 32 -4.82 1.77 -4.97
C PHE A 32 -3.79 2.59 -4.25
N TYR A 33 -2.49 2.29 -4.47
CA TYR A 33 -1.40 3.08 -3.83
C TYR A 33 -0.82 4.01 -4.85
N ASN A 34 -0.41 5.20 -4.41
CA ASN A 34 0.15 6.16 -5.34
C ASN A 34 1.43 6.73 -4.73
N PHE A 35 2.48 6.77 -5.55
CA PHE A 35 3.79 7.25 -5.15
C PHE A 35 4.18 8.42 -6.05
N GLN A 36 4.41 9.61 -5.46
CA GLN A 36 4.83 10.73 -6.30
C GLN A 36 5.88 11.58 -5.59
N LYS A 37 7.17 11.35 -5.91
CA LYS A 37 8.34 12.08 -5.39
C LYS A 37 8.25 12.28 -3.86
N GLY A 38 8.10 11.18 -3.13
CA GLY A 38 8.00 11.21 -1.67
C GLY A 38 6.59 11.24 -1.11
N SER A 39 5.62 11.76 -1.88
CA SER A 39 4.22 11.77 -1.45
C SER A 39 3.55 10.42 -1.68
N PHE A 40 2.88 9.92 -0.65
CA PHE A 40 2.14 8.69 -0.70
C PHE A 40 0.67 8.97 -0.49
N SER A 41 -0.16 8.24 -1.21
CA SER A 41 -1.58 8.29 -1.01
C SER A 41 -2.16 6.94 -1.38
N ALA A 42 -3.24 6.56 -0.70
CA ALA A 42 -3.95 5.30 -0.99
C ALA A 42 -5.42 5.59 -1.10
N ILE A 43 -6.01 5.22 -2.23
CA ILE A 43 -7.43 5.37 -2.47
C ILE A 43 -8.05 4.02 -2.18
N CYS A 44 -9.06 4.03 -1.32
CA CYS A 44 -9.79 2.83 -0.95
C CYS A 44 -11.26 3.01 -1.30
N LEU A 45 -11.78 2.10 -2.12
CA LEU A 45 -13.16 2.10 -2.60
C LEU A 45 -14.03 1.33 -1.64
N LEU A 46 -14.94 2.05 -0.98
CA LEU A 46 -15.83 1.45 0.01
C LEU A 46 -16.99 0.71 -0.68
N LYS A 47 -17.56 -0.28 0.02
CA LYS A 47 -18.72 -1.03 -0.48
C LYS A 47 -19.86 -0.06 -0.83
N ASP A 48 -19.99 1.04 -0.03
CA ASP A 48 -21.05 2.04 -0.19
C ASP A 48 -20.87 3.00 -1.39
N GLY A 49 -19.92 2.71 -2.29
CA GLY A 49 -19.66 3.53 -3.46
C GLY A 49 -18.78 4.74 -3.17
N GLY A 50 -18.42 4.91 -1.91
CA GLY A 50 -17.56 5.99 -1.44
C GLY A 50 -16.09 5.79 -1.74
N LEU A 51 -15.35 6.89 -1.68
CA LEU A 51 -13.91 6.90 -1.93
C LEU A 51 -13.22 7.53 -0.72
N THR A 52 -12.41 6.72 0.00
CA THR A 52 -11.65 7.17 1.16
CA THR A 52 -11.68 7.23 1.15
C THR A 52 -10.19 7.25 0.76
N THR A 53 -9.51 8.37 1.06
CA THR A 53 -8.10 8.50 0.71
C THR A 53 -7.28 8.71 1.98
N PHE A 54 -6.19 7.96 2.07
CA PHE A 54 -5.21 8.09 3.13
C PHE A 54 -4.00 8.80 2.55
N PHE A 55 -3.34 9.62 3.35
CA PHE A 55 -2.18 10.37 2.87
C PHE A 55 -0.99 10.16 3.76
N GLY A 56 0.17 10.25 3.15
CA GLY A 56 1.42 10.10 3.85
C GLY A 56 2.62 10.39 2.98
N ASN A 57 3.74 9.85 3.43
CA ASN A 57 5.02 9.96 2.75
C ASN A 57 5.66 8.61 2.69
N TYR A 58 6.67 8.49 1.83
CA TYR A 58 7.49 7.29 1.73
C TYR A 58 8.93 7.72 1.46
N SER A 59 9.84 6.85 1.86
CA SER A 59 11.27 7.01 1.64
C SER A 59 11.83 5.65 1.26
N LEU A 60 12.96 5.67 0.53
CA LEU A 60 13.62 4.45 0.05
C LEU A 60 15.01 4.31 0.65
N LYS A 61 15.39 3.09 1.01
CA LYS A 61 16.72 2.77 1.56
C LYS A 61 17.02 1.36 1.09
N GLY A 62 17.96 1.23 0.16
CA GLY A 62 18.28 -0.06 -0.44
C GLY A 62 17.06 -0.67 -1.11
N ALA A 63 16.68 -1.92 -0.73
CA ALA A 63 15.50 -2.58 -1.29
C ALA A 63 14.31 -2.52 -0.30
N GLU A 64 14.29 -1.47 0.52
CA GLU A 64 13.23 -1.28 1.49
C GLU A 64 12.50 0.05 1.26
N ILE A 65 11.19 0.06 1.54
CA ILE A 65 10.37 1.26 1.42
C ILE A 65 9.66 1.49 2.74
N SER A 66 9.87 2.67 3.31
CA SER A 66 9.22 3.01 4.58
C SER A 66 8.09 3.99 4.29
N ILE A 67 6.87 3.60 4.62
CA ILE A 67 5.69 4.44 4.39
C ILE A 67 5.22 4.95 5.75
N ILE A 68 4.93 6.25 5.83
CA ILE A 68 4.44 6.84 7.09
C ILE A 68 3.21 7.68 6.76
N LEU A 69 2.09 7.33 7.39
CA LEU A 69 0.86 8.03 7.16
C LEU A 69 0.70 9.17 8.15
N LEU A 70 -0.02 10.22 7.71
CA LEU A 70 -0.30 11.39 8.53
C LEU A 70 -1.21 11.01 9.68
N PRO A 71 -1.13 11.75 10.82
CA PRO A 71 -2.02 11.46 11.96
C PRO A 71 -3.50 11.44 11.59
N GLU A 72 -3.95 12.35 10.73
CA GLU A 72 -5.35 12.40 10.26
C GLU A 72 -5.77 11.08 9.58
N SER A 73 -4.87 10.46 8.78
CA SER A 73 -5.15 9.17 8.14
C SER A 73 -5.15 8.06 9.19
N VAL A 74 -4.25 8.14 10.19
CA VAL A 74 -4.17 7.16 11.30
C VAL A 74 -5.49 7.22 12.10
N ASN A 75 -6.05 8.45 12.28
CA ASN A 75 -7.29 8.65 13.04
C ASN A 75 -8.56 8.39 12.21
N ASP A 76 -8.42 8.10 10.91
CA ASP A 76 -9.56 7.83 10.02
C ASP A 76 -10.36 6.61 10.53
N LYS A 77 -11.70 6.69 10.47
CA LYS A 77 -12.60 5.61 10.95
C LYS A 77 -12.32 4.27 10.21
N ASN A 78 -11.80 4.33 8.96
CA ASN A 78 -11.48 3.11 8.21
C ASN A 78 -10.01 2.74 8.27
N TYR A 79 -9.21 3.40 9.12
CA TYR A 79 -7.76 3.12 9.21
C TYR A 79 -7.42 1.60 9.42
N ASP A 80 -8.08 0.92 10.34
CA ASP A 80 -7.78 -0.51 10.60
C ASP A 80 -8.32 -1.48 9.53
N THR A 81 -9.22 -0.99 8.67
CA THR A 81 -9.74 -1.80 7.58
C THR A 81 -8.67 -1.97 6.51
N TYR A 82 -7.90 -0.91 6.26
CA TYR A 82 -6.96 -0.91 5.14
C TYR A 82 -5.52 -0.87 5.53
N PHE A 83 -5.19 -0.40 6.74
CA PHE A 83 -3.81 -0.27 7.18
C PHE A 83 -3.65 -0.84 8.58
N GLY A 84 -4.01 -0.08 9.61
CA GLY A 84 -3.88 -0.54 10.99
C GLY A 84 -2.45 -0.61 11.47
N TRP A 85 -1.52 0.10 10.77
CA TRP A 85 -0.11 0.10 11.13
C TRP A 85 0.14 0.81 12.44
N PRO A 86 1.02 0.25 13.32
CA PRO A 86 1.34 0.98 14.55
C PRO A 86 2.06 2.28 14.21
N GLU A 87 1.62 3.39 14.84
CA GLU A 87 2.13 4.75 14.67
C GLU A 87 2.04 5.24 13.19
N GLY A 88 1.18 4.61 12.39
CA GLY A 88 0.99 4.94 11.00
C GLY A 88 2.19 4.63 10.14
N LYS A 89 3.06 3.71 10.58
CA LYS A 89 4.31 3.41 9.86
C LYS A 89 4.48 1.94 9.52
N CYS A 90 5.09 1.67 8.37
CA CYS A 90 5.46 0.31 7.97
C CYS A 90 6.63 0.34 6.98
N THR A 91 7.65 -0.48 7.25
CA THR A 91 8.78 -0.65 6.36
C THR A 91 8.63 -1.98 5.65
N PHE A 92 8.54 -1.92 4.36
CA PHE A 92 8.37 -3.10 3.51
C PHE A 92 9.63 -3.44 2.76
N LYS A 93 9.82 -4.74 2.47
CA LYS A 93 10.86 -5.20 1.57
C LYS A 93 10.28 -5.13 0.16
N VAL A 94 11.01 -4.53 -0.78
CA VAL A 94 10.61 -4.49 -2.18
C VAL A 94 11.17 -5.77 -2.82
N GLU A 95 10.30 -6.75 -2.95
CA GLU A 95 10.66 -8.05 -3.53
C GLU A 95 10.75 -7.97 -5.02
N ASP A 96 9.93 -7.07 -5.61
CA ASP A 96 9.92 -6.90 -7.05
C ASP A 96 9.46 -5.53 -7.40
N LEU A 97 10.17 -4.92 -8.36
CA LEU A 97 9.77 -3.65 -8.93
C LEU A 97 10.17 -3.58 -10.38
N SER A 98 9.19 -3.35 -11.24
CA SER A 98 9.38 -3.07 -12.66
C SER A 98 8.37 -1.99 -12.98
N TYR A 99 8.35 -1.47 -14.18
CA TYR A 99 7.36 -0.47 -14.57
C TYR A 99 5.89 -0.96 -14.41
N SER A 100 5.64 -2.28 -14.52
CA SER A 100 4.25 -2.75 -14.44
C SER A 100 3.94 -3.61 -13.21
N SER A 101 4.97 -4.04 -12.44
CA SER A 101 4.79 -4.94 -11.31
C SER A 101 5.48 -4.44 -10.03
N LEU A 102 4.82 -4.58 -8.90
CA LEU A 102 5.34 -4.20 -7.58
C LEU A 102 4.94 -5.26 -6.55
N ARG A 103 5.92 -5.74 -5.78
CA ARG A 103 5.69 -6.76 -4.76
CA ARG A 103 5.70 -6.76 -4.76
C ARG A 103 6.37 -6.29 -3.48
N LEU A 104 5.55 -6.05 -2.45
CA LEU A 104 5.97 -5.59 -1.13
C LEU A 104 5.81 -6.72 -0.11
N GLU A 105 6.76 -6.83 0.82
CA GLU A 105 6.71 -7.87 1.85
C GLU A 105 6.92 -7.26 3.21
N TYR A 106 6.10 -7.70 4.19
CA TYR A 106 6.22 -7.32 5.59
C TYR A 106 5.78 -8.51 6.47
N GLU A 107 6.72 -9.03 7.28
CA GLU A 107 6.53 -10.14 8.21
C GLU A 107 5.82 -11.32 7.51
N GLY A 108 6.36 -11.74 6.36
CA GLY A 108 5.85 -12.87 5.56
C GLY A 108 4.64 -12.63 4.68
N THR A 109 3.94 -11.48 4.84
CA THR A 109 2.78 -11.18 4.00
C THR A 109 3.21 -10.35 2.80
N LYS A 110 2.78 -10.76 1.60
CA LYS A 110 3.10 -10.02 0.40
C LYS A 110 1.88 -9.25 -0.09
N SER A 111 2.11 -8.01 -0.52
CA SER A 111 1.15 -7.09 -1.15
C SER A 111 1.55 -7.06 -2.65
N ILE A 112 0.69 -7.61 -3.51
CA ILE A 112 0.97 -7.73 -4.96
C ILE A 112 0.27 -6.63 -5.74
N PHE A 113 1.00 -5.84 -6.52
CA PHE A 113 0.39 -4.71 -7.28
C PHE A 113 0.69 -4.75 -8.78
N ARG A 114 -0.20 -4.12 -9.56
CA ARG A 114 0.02 -3.90 -10.99
C ARG A 114 -0.17 -2.43 -11.24
N LYS A 115 0.63 -1.87 -12.17
CA LYS A 115 0.55 -0.47 -12.48
C LYS A 115 -0.86 -0.16 -13.01
N PHE A 116 -1.44 0.95 -12.53
CA PHE A 116 -2.80 1.35 -12.89
C PHE A 116 -2.76 2.71 -13.60
C1 EDO B . 14.65 -0.64 -4.81
O1 EDO B . 13.87 -1.81 -5.02
C2 EDO B . 13.81 0.57 -5.23
O2 EDO B . 12.64 0.60 -4.44
C1 EDO C . 12.29 9.96 -3.73
O1 EDO C . 11.29 9.45 -2.87
C2 EDO C . 11.90 11.39 -4.16
O2 EDO C . 11.73 12.19 -3.00
C1 EDO D . 2.15 -6.87 -14.26
O1 EDO D . 2.69 -8.15 -14.55
C2 EDO D . 0.64 -6.87 -14.53
O2 EDO D . 0.33 -5.84 -15.46
#